data_3SVZ
#
_entry.id   3SVZ
#
_cell.length_a   60.547
_cell.length_b   74.375
_cell.length_c   117.110
_cell.angle_alpha   90.00
_cell.angle_beta   90.00
_cell.angle_gamma   90.00
#
_symmetry.space_group_name_H-M   'P 21 21 21'
#
loop_
_entity.id
_entity.type
_entity.pdbx_description
1 polymer 'Putative methyltransferase'
2 water water
#
_entity_poly.entity_id   1
_entity_poly.type   'polypeptide(L)'
_entity_poly.pdbx_seq_one_letter_code
;MHHHHHHSNNNTSIHDFDFSFICNYFKLLKRQGPGSPEATRKAVSFINELTDDAKIADIGCGTGGQTLFLADYVKGQITG
IDLFPDFIEIFNENAVKANCADRVKGITGSMDNLPFQNEELDLIWSEGAIYNIGFERGMNEWSKYLKKGGFIAVSEASWF
TSERPAEIEDFWMDAYPEISVIPTCIDKMERAGYTPTAHFILPENCWTEHYFAPQDEVRETFMKEHAGNKTAMDFMKGQQ
YERSLYSKYKDYYGYVFYIGQKR
;
_entity_poly.pdbx_strand_id   A,B
#
# COMPACT_ATOMS: atom_id res chain seq x y z
N PHE A 19 1.69 -30.52 17.89
CA PHE A 19 1.75 -30.13 16.45
C PHE A 19 0.56 -30.77 15.71
N SER A 20 0.06 -31.87 16.26
CA SER A 20 -1.08 -32.57 15.68
C SER A 20 -2.43 -31.97 16.14
N PHE A 21 -2.73 -32.14 17.43
CA PHE A 21 -3.96 -31.64 18.04
C PHE A 21 -4.23 -30.16 17.76
N ILE A 22 -3.18 -29.36 17.64
CA ILE A 22 -3.31 -27.93 17.37
C ILE A 22 -4.15 -27.81 16.09
N CYS A 23 -3.54 -28.24 14.98
CA CYS A 23 -4.17 -28.22 13.67
C CYS A 23 -5.58 -28.82 13.66
N ASN A 24 -5.83 -29.79 14.53
CA ASN A 24 -7.16 -30.40 14.57
C ASN A 24 -8.22 -29.42 15.10
N TYR A 25 -7.84 -28.58 16.05
CA TYR A 25 -8.75 -27.59 16.62
C TYR A 25 -9.06 -26.48 15.62
N PHE A 26 -8.09 -26.18 14.76
CA PHE A 26 -8.22 -25.14 13.75
C PHE A 26 -9.14 -25.49 12.57
N LYS A 27 -9.40 -26.79 12.38
CA LYS A 27 -10.28 -27.22 11.30
C LYS A 27 -11.67 -26.65 11.58
N LEU A 28 -11.95 -26.41 12.86
CA LEU A 28 -13.25 -25.86 13.27
C LEU A 28 -13.42 -24.39 12.89
N LEU A 29 -12.34 -23.60 13.00
CA LEU A 29 -12.41 -22.19 12.66
C LEU A 29 -12.44 -22.03 11.14
N LYS A 30 -13.02 -20.94 10.65
CA LYS A 30 -13.10 -20.73 9.21
C LYS A 30 -11.83 -20.06 8.70
N ARG A 31 -10.90 -19.79 9.62
CA ARG A 31 -9.63 -19.19 9.26
C ARG A 31 -8.57 -19.49 10.31
N GLN A 32 -7.34 -19.68 9.84
CA GLN A 32 -6.22 -20.01 10.73
C GLN A 32 -5.29 -18.83 10.99
N GLY A 33 -5.71 -17.63 10.60
CA GLY A 33 -4.87 -16.46 10.82
C GLY A 33 -5.58 -15.16 10.48
N PRO A 34 -5.10 -14.03 11.03
CA PRO A 34 -5.71 -12.71 10.78
C PRO A 34 -5.98 -12.48 9.30
N GLY A 35 -6.85 -11.52 9.01
CA GLY A 35 -7.18 -11.22 7.63
C GLY A 35 -8.62 -10.80 7.50
N SER A 36 -9.06 -10.60 6.25
CA SER A 36 -10.44 -10.21 5.98
C SER A 36 -10.65 -10.08 4.48
N PRO A 37 -11.90 -10.28 4.03
CA PRO A 37 -12.22 -10.19 2.61
C PRO A 37 -11.64 -8.90 2.03
N GLU A 38 -11.93 -7.78 2.71
CA GLU A 38 -11.47 -6.46 2.27
C GLU A 38 -9.96 -6.45 2.16
N ALA A 39 -9.30 -7.08 3.12
CA ALA A 39 -7.84 -7.13 3.13
C ALA A 39 -7.30 -7.90 1.93
N THR A 40 -7.90 -9.03 1.61
CA THR A 40 -7.47 -9.82 0.47
C THR A 40 -7.84 -9.06 -0.79
N ARG A 41 -8.94 -8.30 -0.72
CA ARG A 41 -9.42 -7.55 -1.87
C ARG A 41 -8.52 -6.35 -2.20
N LYS A 42 -8.01 -5.69 -1.17
CA LYS A 42 -7.16 -4.53 -1.38
C LYS A 42 -5.79 -4.97 -1.84
N ALA A 43 -5.51 -6.25 -1.65
CA ALA A 43 -4.24 -6.81 -2.07
C ALA A 43 -4.31 -7.05 -3.58
N VAL A 44 -5.44 -7.51 -4.05
CA VAL A 44 -5.60 -7.78 -5.47
C VAL A 44 -5.65 -6.48 -6.29
N SER A 45 -6.15 -5.42 -5.66
CA SER A 45 -6.25 -4.14 -6.34
C SER A 45 -4.90 -3.62 -6.81
N PHE A 46 -3.82 -4.31 -6.48
CA PHE A 46 -2.47 -3.88 -6.86
C PHE A 46 -1.80 -4.74 -7.92
N ILE A 47 -2.46 -5.84 -8.29
CA ILE A 47 -1.94 -6.74 -9.31
C ILE A 47 -2.70 -6.50 -10.61
N ASN A 48 -2.14 -6.94 -11.73
CA ASN A 48 -2.80 -6.74 -13.02
C ASN A 48 -3.86 -7.80 -13.28
N GLU A 49 -4.91 -7.42 -14.00
CA GLU A 49 -6.01 -8.34 -14.27
C GLU A 49 -5.50 -9.65 -14.87
N LEU A 50 -6.21 -10.72 -14.58
CA LEU A 50 -5.83 -12.03 -15.09
C LEU A 50 -7.00 -12.62 -15.87
N THR A 51 -6.68 -13.57 -16.74
CA THR A 51 -7.69 -14.22 -17.55
C THR A 51 -7.92 -15.61 -16.97
N ASP A 52 -8.94 -16.30 -17.44
CA ASP A 52 -9.23 -17.64 -16.95
C ASP A 52 -8.02 -18.55 -17.12
N ASP A 53 -7.11 -18.18 -18.02
CA ASP A 53 -5.91 -18.99 -18.27
C ASP A 53 -4.87 -18.87 -17.18
N ALA A 54 -4.94 -17.80 -16.39
CA ALA A 54 -3.97 -17.54 -15.32
C ALA A 54 -3.88 -18.65 -14.28
N LYS A 55 -2.66 -19.06 -13.99
CA LYS A 55 -2.41 -20.11 -13.00
C LYS A 55 -2.08 -19.36 -11.72
N ILE A 56 -2.80 -19.66 -10.64
CA ILE A 56 -2.57 -18.99 -9.37
C ILE A 56 -2.26 -20.01 -8.28
N ALA A 57 -1.50 -19.60 -7.27
CA ALA A 57 -1.16 -20.50 -6.19
C ALA A 57 -1.23 -19.79 -4.83
N ASP A 58 -1.93 -20.42 -3.88
CA ASP A 58 -2.10 -19.91 -2.52
C ASP A 58 -1.29 -20.85 -1.62
N ILE A 59 -0.05 -20.46 -1.30
CA ILE A 59 0.83 -21.29 -0.48
C ILE A 59 0.58 -21.10 1.00
N GLY A 60 0.12 -22.17 1.65
CA GLY A 60 -0.21 -22.12 3.06
C GLY A 60 -1.68 -21.76 3.17
N CYS A 61 -2.42 -22.16 2.15
CA CYS A 61 -3.85 -21.87 2.08
C CYS A 61 -4.64 -22.28 3.31
N GLY A 62 -4.27 -23.40 3.93
CA GLY A 62 -5.02 -23.86 5.09
C GLY A 62 -6.39 -24.32 4.63
N THR A 63 -7.43 -23.99 5.39
CA THR A 63 -8.80 -24.38 5.06
C THR A 63 -9.32 -23.69 3.79
N GLY A 64 -8.57 -22.68 3.32
CA GLY A 64 -8.96 -21.97 2.11
C GLY A 64 -9.81 -20.74 2.34
N GLY A 65 -9.91 -20.30 3.59
CA GLY A 65 -10.70 -19.14 3.92
C GLY A 65 -10.47 -17.96 2.98
N GLN A 66 -9.21 -17.55 2.85
CA GLN A 66 -8.87 -16.43 1.98
C GLN A 66 -8.92 -16.82 0.51
N THR A 67 -8.60 -18.07 0.22
CA THR A 67 -8.62 -18.58 -1.15
C THR A 67 -9.95 -18.26 -1.85
N LEU A 68 -11.07 -18.66 -1.26
CA LEU A 68 -12.37 -18.39 -1.85
C LEU A 68 -12.58 -16.88 -1.98
N PHE A 69 -12.05 -16.11 -1.02
CA PHE A 69 -12.17 -14.64 -1.09
C PHE A 69 -11.43 -14.20 -2.35
N LEU A 70 -10.24 -14.79 -2.55
CA LEU A 70 -9.44 -14.47 -3.72
C LEU A 70 -10.15 -14.88 -4.99
N ALA A 71 -10.55 -16.15 -5.07
CA ALA A 71 -11.24 -16.67 -6.25
C ALA A 71 -12.36 -15.72 -6.70
N ASP A 72 -12.95 -15.03 -5.74
CA ASP A 72 -14.04 -14.08 -5.98
C ASP A 72 -13.60 -12.79 -6.70
N TYR A 73 -12.31 -12.46 -6.56
CA TYR A 73 -11.79 -11.24 -7.16
C TYR A 73 -10.83 -11.40 -8.32
N VAL A 74 -10.54 -12.63 -8.73
CA VAL A 74 -9.64 -12.83 -9.86
C VAL A 74 -10.05 -14.00 -10.73
N LYS A 75 -9.48 -14.09 -11.92
CA LYS A 75 -9.80 -15.16 -12.84
C LYS A 75 -8.60 -16.09 -12.94
N GLY A 76 -8.83 -17.32 -13.36
CA GLY A 76 -7.72 -18.26 -13.46
C GLY A 76 -7.92 -19.48 -12.59
N GLN A 77 -6.95 -20.39 -12.63
CA GLN A 77 -7.02 -21.63 -11.85
C GLN A 77 -6.18 -21.51 -10.58
N ILE A 78 -6.81 -21.72 -9.43
CA ILE A 78 -6.12 -21.61 -8.16
C ILE A 78 -5.76 -22.95 -7.53
N THR A 79 -4.52 -23.06 -7.07
CA THR A 79 -4.05 -24.28 -6.44
C THR A 79 -3.72 -24.01 -4.98
N GLY A 80 -4.42 -24.66 -4.07
CA GLY A 80 -4.14 -24.47 -2.66
C GLY A 80 -3.14 -25.52 -2.21
N ILE A 81 -2.14 -25.09 -1.44
CA ILE A 81 -1.12 -26.01 -0.96
C ILE A 81 -0.86 -25.86 0.52
N ASP A 82 -1.04 -26.95 1.26
CA ASP A 82 -0.80 -26.89 2.69
C ASP A 82 -0.11 -28.16 3.18
N LEU A 83 0.56 -28.07 4.32
CA LEU A 83 1.25 -29.23 4.86
C LEU A 83 0.29 -30.26 5.47
N PHE A 84 -0.70 -29.75 6.19
CA PHE A 84 -1.73 -30.53 6.89
C PHE A 84 -2.81 -31.04 5.94
N PRO A 85 -2.89 -32.36 5.72
CA PRO A 85 -3.91 -32.92 4.80
C PRO A 85 -5.35 -32.65 5.24
N ASP A 86 -5.64 -32.79 6.53
CA ASP A 86 -7.00 -32.55 7.02
C ASP A 86 -7.52 -31.20 6.52
N PHE A 87 -6.63 -30.21 6.43
CA PHE A 87 -7.03 -28.88 5.95
C PHE A 87 -7.44 -28.91 4.48
N ILE A 88 -6.63 -29.57 3.66
CA ILE A 88 -6.92 -29.71 2.24
C ILE A 88 -8.26 -30.44 2.04
N GLU A 89 -8.48 -31.48 2.84
CA GLU A 89 -9.72 -32.24 2.74
C GLU A 89 -10.93 -31.31 2.85
N ILE A 90 -10.88 -30.37 3.79
CA ILE A 90 -11.98 -29.43 3.99
C ILE A 90 -12.00 -28.41 2.85
N PHE A 91 -10.81 -28.02 2.41
CA PHE A 91 -10.61 -27.06 1.31
C PHE A 91 -11.41 -27.47 0.09
N ASN A 92 -11.13 -28.66 -0.42
CA ASN A 92 -11.83 -29.18 -1.58
C ASN A 92 -13.33 -29.31 -1.30
N GLU A 93 -13.66 -29.65 -0.06
CA GLU A 93 -15.06 -29.76 0.34
C GLU A 93 -15.73 -28.39 0.27
N ASN A 94 -14.99 -27.36 0.67
CA ASN A 94 -15.54 -26.01 0.65
C ASN A 94 -15.66 -25.50 -0.78
N ALA A 95 -14.74 -25.91 -1.64
CA ALA A 95 -14.73 -25.49 -3.04
C ALA A 95 -15.94 -26.10 -3.77
N VAL A 96 -16.29 -27.31 -3.37
CA VAL A 96 -17.42 -28.02 -3.94
C VAL A 96 -18.71 -27.38 -3.45
N LYS A 97 -18.78 -27.11 -2.15
CA LYS A 97 -19.98 -26.48 -1.59
C LYS A 97 -20.14 -25.08 -2.19
N ALA A 98 -19.08 -24.58 -2.82
CA ALA A 98 -19.13 -23.24 -3.38
C ALA A 98 -19.04 -23.19 -4.92
N ASN A 99 -19.59 -24.20 -5.58
CA ASN A 99 -19.60 -24.27 -7.04
C ASN A 99 -18.40 -23.60 -7.68
N CYS A 100 -17.21 -24.14 -7.43
CA CYS A 100 -16.01 -23.57 -8.04
C CYS A 100 -14.83 -24.50 -7.88
N ALA A 101 -15.11 -25.72 -7.42
CA ALA A 101 -14.05 -26.70 -7.23
C ALA A 101 -13.50 -27.18 -8.57
N ASP A 102 -13.93 -26.53 -9.65
CA ASP A 102 -13.48 -26.86 -11.00
C ASP A 102 -12.23 -26.04 -11.34
N ARG A 103 -12.14 -24.85 -10.74
CA ARG A 103 -11.01 -23.96 -10.95
C ARG A 103 -10.17 -23.82 -9.66
N VAL A 104 -10.82 -23.97 -8.51
CA VAL A 104 -10.13 -23.87 -7.21
C VAL A 104 -9.93 -25.24 -6.59
N LYS A 105 -8.70 -25.73 -6.61
CA LYS A 105 -8.35 -27.04 -6.08
C LYS A 105 -7.27 -26.99 -5.00
N GLY A 106 -7.32 -27.95 -4.06
CA GLY A 106 -6.36 -28.00 -2.98
C GLY A 106 -5.56 -29.28 -2.87
N ILE A 107 -4.25 -29.15 -2.65
CA ILE A 107 -3.36 -30.29 -2.52
C ILE A 107 -2.35 -30.07 -1.42
N THR A 108 -1.96 -31.16 -0.78
CA THR A 108 -0.97 -31.10 0.29
C THR A 108 0.40 -31.06 -0.37
N GLY A 109 1.37 -30.47 0.33
CA GLY A 109 2.73 -30.36 -0.18
C GLY A 109 3.45 -29.51 0.84
N SER A 110 4.73 -29.23 0.63
CA SER A 110 5.42 -28.39 1.59
C SER A 110 5.83 -27.07 0.96
N MET A 111 5.89 -26.06 1.80
CA MET A 111 6.26 -24.70 1.43
C MET A 111 7.67 -24.59 0.84
N ASP A 112 8.56 -25.49 1.24
CA ASP A 112 9.93 -25.46 0.74
C ASP A 112 10.21 -26.48 -0.35
N ASN A 113 9.16 -26.93 -1.03
CA ASN A 113 9.29 -27.89 -2.11
C ASN A 113 8.00 -27.89 -2.92
N LEU A 114 7.68 -26.72 -3.49
CA LEU A 114 6.47 -26.53 -4.27
C LEU A 114 6.47 -27.29 -5.58
N PRO A 115 5.31 -27.90 -5.92
CA PRO A 115 5.10 -28.67 -7.14
C PRO A 115 4.72 -27.79 -8.33
N PHE A 116 5.69 -27.08 -8.89
CA PHE A 116 5.44 -26.20 -10.04
C PHE A 116 6.67 -26.22 -10.93
N GLN A 117 6.63 -25.42 -12.00
CA GLN A 117 7.73 -25.32 -12.93
C GLN A 117 8.17 -23.87 -13.07
N ASN A 118 9.33 -23.63 -13.65
CA ASN A 118 9.79 -22.26 -13.81
C ASN A 118 8.76 -21.51 -14.62
N GLU A 119 8.68 -20.21 -14.40
CA GLU A 119 7.75 -19.33 -15.12
C GLU A 119 6.43 -20.01 -15.47
N GLU A 120 5.76 -20.53 -14.46
CA GLU A 120 4.48 -21.21 -14.68
C GLU A 120 3.32 -20.40 -14.13
N LEU A 121 3.57 -19.76 -12.99
CA LEU A 121 2.54 -19.01 -12.28
C LEU A 121 2.44 -17.52 -12.58
N ASP A 122 1.22 -16.99 -12.45
CA ASP A 122 0.96 -15.57 -12.68
C ASP A 122 0.86 -14.85 -11.35
N LEU A 123 0.42 -15.59 -10.33
CA LEU A 123 0.25 -15.01 -9.00
C LEU A 123 0.59 -15.99 -7.89
N ILE A 124 1.35 -15.52 -6.91
CA ILE A 124 1.67 -16.33 -5.75
C ILE A 124 1.09 -15.65 -4.53
N TRP A 125 0.05 -16.28 -3.99
CA TRP A 125 -0.65 -15.77 -2.82
C TRP A 125 -0.27 -16.57 -1.58
N SER A 126 -0.25 -15.90 -0.43
CA SER A 126 0.09 -16.56 0.83
C SER A 126 -0.18 -15.65 2.02
N GLU A 127 -1.14 -16.02 2.86
CA GLU A 127 -1.46 -15.19 4.00
C GLU A 127 -0.95 -15.74 5.34
N GLY A 128 0.36 -15.97 5.42
CA GLY A 128 1.01 -16.47 6.61
C GLY A 128 0.20 -17.52 7.35
N ALA A 129 -0.46 -18.41 6.60
CA ALA A 129 -1.29 -19.47 7.19
C ALA A 129 -0.61 -20.87 7.14
N ILE A 130 -0.66 -21.60 8.26
CA ILE A 130 -0.05 -22.94 8.34
C ILE A 130 1.46 -22.88 8.06
N TYR A 131 2.27 -23.10 9.11
CA TYR A 131 3.75 -23.09 9.09
C TYR A 131 4.46 -21.96 8.29
N ASN A 132 5.79 -21.90 8.33
CA ASN A 132 6.48 -20.84 7.61
C ASN A 132 7.93 -21.20 7.28
N ILE A 133 8.60 -20.39 6.47
CA ILE A 133 10.00 -20.67 6.13
C ILE A 133 10.87 -19.45 5.99
N GLY A 134 10.46 -18.36 6.65
CA GLY A 134 11.24 -17.14 6.58
C GLY A 134 10.89 -16.28 5.38
N PHE A 135 10.47 -15.05 5.67
CA PHE A 135 10.10 -14.10 4.63
C PHE A 135 11.16 -14.07 3.54
N GLU A 136 12.40 -13.76 3.92
CA GLU A 136 13.49 -13.68 2.95
C GLU A 136 13.59 -14.93 2.10
N ARG A 137 13.64 -16.09 2.77
CA ARG A 137 13.75 -17.35 2.06
C ARG A 137 12.62 -17.54 1.06
N GLY A 138 11.37 -17.37 1.52
CA GLY A 138 10.24 -17.54 0.62
C GLY A 138 10.35 -16.69 -0.64
N MET A 139 10.54 -15.39 -0.46
CA MET A 139 10.65 -14.46 -1.58
C MET A 139 11.58 -14.94 -2.70
N ASN A 140 12.74 -15.46 -2.32
CA ASN A 140 13.73 -15.92 -3.29
C ASN A 140 13.37 -17.25 -3.91
N GLU A 141 13.05 -18.23 -3.07
CA GLU A 141 12.72 -19.55 -3.57
C GLU A 141 11.44 -19.58 -4.44
N TRP A 142 10.39 -18.91 -3.98
CA TRP A 142 9.13 -18.89 -4.71
C TRP A 142 9.20 -18.12 -6.02
N SER A 143 10.21 -17.28 -6.15
CA SER A 143 10.37 -16.46 -7.34
C SER A 143 10.60 -17.20 -8.66
N LYS A 144 11.35 -18.29 -8.61
CA LYS A 144 11.66 -19.05 -9.82
C LYS A 144 10.43 -19.69 -10.45
N TYR A 145 9.32 -19.70 -9.73
CA TYR A 145 8.07 -20.29 -10.23
C TYR A 145 7.22 -19.24 -10.92
N LEU A 146 7.27 -18.03 -10.40
CA LEU A 146 6.49 -16.94 -10.94
C LEU A 146 7.00 -16.44 -12.30
N LYS A 147 6.09 -16.11 -13.21
CA LYS A 147 6.43 -15.61 -14.53
C LYS A 147 7.02 -14.22 -14.40
N LYS A 148 7.61 -13.70 -15.47
CA LYS A 148 8.18 -12.36 -15.44
C LYS A 148 6.97 -11.44 -15.51
N GLY A 149 6.90 -10.48 -14.60
CA GLY A 149 5.78 -9.57 -14.58
C GLY A 149 4.68 -10.14 -13.70
N GLY A 150 4.94 -11.31 -13.12
CA GLY A 150 3.95 -11.93 -12.25
C GLY A 150 3.97 -11.30 -10.87
N PHE A 151 2.90 -11.50 -10.10
CA PHE A 151 2.81 -10.91 -8.76
C PHE A 151 2.92 -11.89 -7.58
N ILE A 152 3.40 -11.36 -6.47
CA ILE A 152 3.53 -12.13 -5.24
C ILE A 152 2.87 -11.25 -4.18
N ALA A 153 1.92 -11.82 -3.44
CA ALA A 153 1.24 -11.08 -2.38
C ALA A 153 1.22 -11.93 -1.13
N VAL A 154 1.76 -11.42 -0.03
CA VAL A 154 1.80 -12.16 1.21
C VAL A 154 1.62 -11.29 2.45
N SER A 155 0.78 -11.73 3.37
CA SER A 155 0.56 -11.00 4.62
C SER A 155 1.59 -11.53 5.61
N GLU A 156 2.36 -10.63 6.20
CA GLU A 156 3.42 -11.02 7.13
C GLU A 156 3.41 -10.17 8.40
N ALA A 157 3.67 -10.81 9.54
CA ALA A 157 3.71 -10.11 10.82
C ALA A 157 4.94 -9.24 10.84
N SER A 158 4.78 -7.98 11.20
CA SER A 158 5.91 -7.05 11.24
C SER A 158 5.79 -6.03 12.35
N TRP A 159 6.86 -5.26 12.54
CA TRP A 159 6.92 -4.21 13.56
C TRP A 159 6.43 -2.93 12.90
N PHE A 160 5.92 -2.00 13.71
CA PHE A 160 5.45 -0.73 13.18
C PHE A 160 6.35 0.42 13.61
N THR A 161 7.25 0.13 14.55
CA THR A 161 8.19 1.13 15.06
C THR A 161 9.59 0.50 15.15
N SER A 162 10.58 1.30 15.54
CA SER A 162 11.96 0.80 15.65
C SER A 162 12.25 0.13 16.98
N GLU A 163 11.30 0.23 17.92
CA GLU A 163 11.45 -0.41 19.22
C GLU A 163 10.13 -0.48 19.98
N ARG A 164 9.88 -1.62 20.61
CA ARG A 164 8.66 -1.84 21.38
C ARG A 164 9.02 -2.31 22.77
N PRO A 165 8.01 -2.46 23.65
CA PRO A 165 8.24 -2.93 25.01
C PRO A 165 8.92 -4.29 24.91
N ALA A 166 9.39 -4.83 26.03
CA ALA A 166 10.06 -6.13 26.01
C ALA A 166 9.10 -7.31 25.78
N GLU A 167 8.01 -7.32 26.54
CA GLU A 167 7.02 -8.39 26.45
C GLU A 167 6.65 -8.79 25.02
N ILE A 168 6.17 -7.86 24.21
CA ILE A 168 5.82 -8.17 22.83
C ILE A 168 7.10 -8.52 22.05
N GLU A 169 8.17 -7.78 22.35
CA GLU A 169 9.47 -8.00 21.71
C GLU A 169 9.93 -9.46 21.88
N ASP A 170 9.86 -9.95 23.11
CA ASP A 170 10.27 -11.32 23.42
C ASP A 170 9.39 -12.35 22.74
N PHE A 171 8.09 -12.30 23.02
CA PHE A 171 7.18 -13.25 22.42
C PHE A 171 7.49 -13.46 20.95
N TRP A 172 7.50 -12.38 20.18
CA TRP A 172 7.76 -12.52 18.76
C TRP A 172 9.13 -13.07 18.44
N MET A 173 10.12 -12.63 19.21
CA MET A 173 11.48 -13.09 19.00
C MET A 173 11.65 -14.55 19.39
N ASP A 174 10.54 -15.19 19.77
CA ASP A 174 10.54 -16.59 20.18
C ASP A 174 9.61 -17.43 19.29
N ALA A 175 8.72 -16.77 18.57
CA ALA A 175 7.79 -17.49 17.69
C ALA A 175 8.22 -17.34 16.25
N TYR A 176 8.68 -16.15 15.89
CA TYR A 176 9.13 -15.85 14.54
C TYR A 176 10.11 -14.71 14.62
N PRO A 177 11.40 -15.02 14.86
CA PRO A 177 12.51 -14.07 14.98
C PRO A 177 12.79 -13.22 13.76
N GLU A 178 12.44 -13.74 12.58
CA GLU A 178 12.69 -12.99 11.35
C GLU A 178 11.67 -11.85 11.20
N ILE A 179 10.90 -11.61 12.25
CA ILE A 179 9.92 -10.53 12.23
C ILE A 179 10.77 -9.27 12.11
N SER A 180 10.28 -8.27 11.36
CA SER A 180 11.08 -7.06 11.22
C SER A 180 10.28 -5.80 10.85
N VAL A 181 10.97 -4.67 10.81
CA VAL A 181 10.33 -3.43 10.44
C VAL A 181 9.99 -3.56 8.95
N ILE A 182 9.02 -2.77 8.50
CA ILE A 182 8.59 -2.82 7.12
C ILE A 182 9.70 -2.53 6.12
N PRO A 183 10.55 -1.53 6.39
CA PRO A 183 11.62 -1.27 5.42
C PRO A 183 12.42 -2.53 5.04
N THR A 184 12.80 -3.34 6.04
CA THR A 184 13.57 -4.56 5.78
C THR A 184 12.79 -5.53 4.89
N CYS A 185 11.52 -5.74 5.21
CA CYS A 185 10.72 -6.62 4.39
C CYS A 185 10.78 -6.13 2.95
N ILE A 186 10.51 -4.84 2.77
CA ILE A 186 10.53 -4.24 1.43
C ILE A 186 11.92 -4.32 0.79
N ASP A 187 12.96 -4.29 1.61
CA ASP A 187 14.32 -4.39 1.09
C ASP A 187 14.63 -5.81 0.64
N LYS A 188 14.11 -6.79 1.35
CA LYS A 188 14.33 -8.19 1.01
C LYS A 188 13.68 -8.46 -0.33
N MET A 189 12.52 -7.87 -0.56
CA MET A 189 11.82 -8.06 -1.82
C MET A 189 12.69 -7.67 -2.99
N GLU A 190 13.11 -6.40 -3.03
CA GLU A 190 13.95 -5.91 -4.11
C GLU A 190 15.18 -6.81 -4.29
N ARG A 191 15.71 -7.32 -3.19
CA ARG A 191 16.86 -8.20 -3.29
C ARG A 191 16.46 -9.47 -4.01
N ALA A 192 15.25 -9.95 -3.73
CA ALA A 192 14.74 -11.18 -4.33
C ALA A 192 14.30 -10.98 -5.79
N GLY A 193 14.40 -9.75 -6.27
CA GLY A 193 14.03 -9.46 -7.65
C GLY A 193 12.60 -8.98 -7.87
N TYR A 194 12.00 -8.39 -6.85
CA TYR A 194 10.62 -7.89 -6.95
C TYR A 194 10.58 -6.36 -6.95
N THR A 195 9.54 -5.81 -7.57
CA THR A 195 9.34 -4.38 -7.61
C THR A 195 8.37 -4.19 -6.45
N PRO A 196 8.77 -3.47 -5.39
CA PRO A 196 7.84 -3.29 -4.27
C PRO A 196 6.59 -2.52 -4.65
N THR A 197 5.66 -3.21 -5.31
CA THR A 197 4.43 -2.59 -5.76
C THR A 197 3.69 -1.86 -4.66
N ALA A 198 3.36 -2.59 -3.60
CA ALA A 198 2.63 -2.02 -2.48
C ALA A 198 2.78 -2.79 -1.16
N HIS A 199 2.32 -2.16 -0.09
CA HIS A 199 2.34 -2.75 1.23
C HIS A 199 1.27 -1.99 2.01
N PHE A 200 0.65 -2.65 2.98
CA PHE A 200 -0.34 -1.99 3.78
C PHE A 200 -0.67 -2.81 5.00
N ILE A 201 -0.97 -2.16 6.11
CA ILE A 201 -1.25 -2.85 7.35
C ILE A 201 -2.70 -3.30 7.41
N LEU A 202 -2.91 -4.55 7.81
CA LEU A 202 -4.26 -5.07 7.90
C LEU A 202 -5.04 -4.41 9.02
N PRO A 203 -6.24 -3.90 8.69
CA PRO A 203 -7.13 -3.23 9.63
C PRO A 203 -7.26 -4.05 10.90
N GLU A 204 -7.23 -3.34 12.01
CA GLU A 204 -7.32 -3.97 13.31
C GLU A 204 -8.44 -4.99 13.34
N ASN A 205 -9.46 -4.78 12.52
CA ASN A 205 -10.61 -5.70 12.49
C ASN A 205 -10.24 -7.10 12.00
N CYS A 206 -9.14 -7.19 11.27
CA CYS A 206 -8.67 -8.48 10.76
C CYS A 206 -8.29 -9.44 11.88
N TRP A 207 -8.08 -8.91 13.09
CA TRP A 207 -7.72 -9.76 14.20
C TRP A 207 -8.94 -10.03 15.07
N THR A 208 -9.53 -8.95 15.58
CA THR A 208 -10.69 -9.08 16.43
C THR A 208 -11.80 -9.85 15.73
N GLU A 209 -12.58 -9.16 14.90
CA GLU A 209 -13.70 -9.79 14.21
C GLU A 209 -13.44 -11.07 13.43
N HIS A 210 -12.40 -11.08 12.58
CA HIS A 210 -12.10 -12.23 11.73
C HIS A 210 -11.12 -13.29 12.20
N TYR A 211 -10.65 -13.21 13.45
CA TYR A 211 -9.70 -14.21 13.94
C TYR A 211 -9.94 -14.59 15.40
N PHE A 212 -10.06 -13.59 16.28
CA PHE A 212 -10.30 -13.83 17.70
C PHE A 212 -11.77 -14.17 17.97
N ALA A 213 -12.68 -13.36 17.39
CA ALA A 213 -14.11 -13.57 17.58
C ALA A 213 -14.53 -15.00 17.28
N PRO A 214 -14.14 -15.53 16.12
CA PRO A 214 -14.50 -16.90 15.74
C PRO A 214 -14.09 -17.91 16.82
N GLN A 215 -12.91 -17.70 17.39
CA GLN A 215 -12.39 -18.57 18.43
C GLN A 215 -13.24 -18.49 19.68
N ASP A 216 -14.31 -17.71 19.63
CA ASP A 216 -15.17 -17.59 20.79
C ASP A 216 -16.27 -18.64 20.80
N GLU A 217 -17.09 -18.67 19.76
CA GLU A 217 -18.15 -19.68 19.70
C GLU A 217 -17.61 -20.98 20.31
N VAL A 218 -16.57 -21.52 19.65
CA VAL A 218 -15.91 -22.75 20.07
C VAL A 218 -15.31 -22.70 21.49
N ARG A 219 -14.82 -21.53 21.90
CA ARG A 219 -14.19 -21.38 23.22
C ARG A 219 -15.01 -22.00 24.35
N GLU A 220 -16.32 -21.84 24.30
CA GLU A 220 -17.17 -22.39 25.35
C GLU A 220 -17.18 -23.91 25.38
N THR A 221 -17.77 -24.53 24.37
CA THR A 221 -17.87 -25.99 24.29
C THR A 221 -16.48 -26.64 24.28
N PHE A 222 -15.47 -25.88 23.87
CA PHE A 222 -14.11 -26.40 23.85
C PHE A 222 -13.73 -26.77 25.28
N MET A 223 -14.10 -25.90 26.21
CA MET A 223 -13.82 -26.13 27.62
C MET A 223 -14.44 -27.44 28.10
N LYS A 224 -15.77 -27.53 28.06
CA LYS A 224 -16.46 -28.75 28.47
C LYS A 224 -15.82 -29.96 27.80
N GLU A 225 -15.60 -29.83 26.50
CA GLU A 225 -15.00 -30.89 25.69
C GLU A 225 -13.55 -31.18 26.12
N HIS A 226 -12.89 -30.19 26.71
CA HIS A 226 -11.50 -30.35 27.15
C HIS A 226 -11.20 -29.77 28.53
N ALA A 227 -12.00 -30.14 29.52
CA ALA A 227 -11.78 -29.66 30.87
C ALA A 227 -10.50 -30.28 31.43
N GLY A 228 -10.62 -31.53 31.91
CA GLY A 228 -9.50 -32.26 32.48
C GLY A 228 -8.21 -32.25 31.69
N ASN A 229 -8.27 -32.45 30.37
CA ASN A 229 -7.07 -32.48 29.55
C ASN A 229 -6.16 -31.32 29.96
N LYS A 230 -4.95 -31.66 30.38
CA LYS A 230 -3.99 -30.65 30.83
C LYS A 230 -3.43 -29.78 29.72
N THR A 231 -2.89 -30.41 28.68
CA THR A 231 -2.30 -29.71 27.55
C THR A 231 -3.31 -28.85 26.79
N ALA A 232 -4.53 -29.35 26.68
CA ALA A 232 -5.59 -28.62 25.98
C ALA A 232 -5.78 -27.27 26.66
N MET A 233 -5.65 -27.26 27.98
CA MET A 233 -5.79 -26.03 28.74
C MET A 233 -4.60 -25.11 28.53
N ASP A 234 -3.39 -25.67 28.55
CA ASP A 234 -2.19 -24.87 28.34
C ASP A 234 -2.26 -24.20 26.97
N PHE A 235 -2.89 -24.90 26.03
CA PHE A 235 -3.06 -24.40 24.66
C PHE A 235 -3.97 -23.16 24.67
N MET A 236 -5.12 -23.27 25.34
CA MET A 236 -6.05 -22.16 25.46
C MET A 236 -5.36 -20.94 26.05
N LYS A 237 -4.75 -21.08 27.22
CA LYS A 237 -4.06 -19.97 27.85
C LYS A 237 -3.14 -19.35 26.81
N GLY A 238 -2.47 -20.21 26.04
CA GLY A 238 -1.58 -19.74 25.00
C GLY A 238 -2.38 -18.91 24.01
N GLN A 239 -3.55 -19.42 23.63
CA GLN A 239 -4.41 -18.71 22.70
C GLN A 239 -4.92 -17.41 23.31
N GLN A 240 -5.46 -17.48 24.52
CA GLN A 240 -5.96 -16.29 25.17
C GLN A 240 -4.81 -15.35 25.48
N TYR A 241 -3.57 -15.83 25.33
CA TYR A 241 -2.41 -14.98 25.59
C TYR A 241 -2.09 -14.09 24.38
N GLU A 242 -2.44 -14.55 23.17
CA GLU A 242 -2.20 -13.76 21.98
C GLU A 242 -3.13 -12.57 22.02
N ARG A 243 -4.41 -12.84 22.28
CA ARG A 243 -5.42 -11.79 22.32
C ARG A 243 -5.07 -10.71 23.32
N SER A 244 -4.80 -11.10 24.55
CA SER A 244 -4.45 -10.11 25.57
C SER A 244 -3.13 -9.42 25.23
N LEU A 245 -2.33 -10.05 24.36
CA LEU A 245 -1.06 -9.49 23.92
C LEU A 245 -1.30 -8.47 22.79
N TYR A 246 -2.32 -8.76 21.97
CA TYR A 246 -2.68 -7.89 20.83
C TYR A 246 -3.40 -6.62 21.28
N SER A 247 -4.39 -6.77 22.16
CA SER A 247 -5.12 -5.61 22.64
C SER A 247 -4.20 -4.65 23.38
N LYS A 248 -3.09 -5.19 23.86
CA LYS A 248 -2.12 -4.39 24.60
C LYS A 248 -0.99 -3.79 23.78
N TYR A 249 -0.61 -4.44 22.69
CA TYR A 249 0.52 -3.93 21.88
C TYR A 249 0.23 -3.76 20.40
N LYS A 250 -1.03 -3.75 20.01
CA LYS A 250 -1.38 -3.61 18.60
C LYS A 250 -0.87 -2.37 17.91
N ASP A 251 -0.23 -1.48 18.66
CA ASP A 251 0.32 -0.27 18.05
C ASP A 251 1.78 -0.52 17.69
N TYR A 252 2.30 -1.67 18.09
CA TYR A 252 3.69 -2.02 17.82
C TYR A 252 3.91 -3.17 16.85
N TYR A 253 2.82 -3.77 16.36
CA TYR A 253 2.98 -4.89 15.44
C TYR A 253 1.66 -5.27 14.76
N GLY A 254 1.70 -6.33 13.96
CA GLY A 254 0.52 -6.78 13.26
C GLY A 254 0.86 -7.31 11.87
N TYR A 255 -0.15 -7.78 11.14
CA TYR A 255 0.10 -8.29 9.80
C TYR A 255 0.18 -7.19 8.77
N VAL A 256 1.09 -7.38 7.81
CA VAL A 256 1.27 -6.42 6.73
C VAL A 256 1.24 -7.18 5.43
N PHE A 257 0.46 -6.66 4.48
CA PHE A 257 0.35 -7.29 3.19
C PHE A 257 1.38 -6.65 2.28
N TYR A 258 2.18 -7.50 1.63
CA TYR A 258 3.20 -7.04 0.71
C TYR A 258 2.86 -7.56 -0.69
N ILE A 259 2.86 -6.66 -1.68
CA ILE A 259 2.59 -7.05 -3.06
C ILE A 259 3.74 -6.58 -3.94
N GLY A 260 4.40 -7.51 -4.62
CA GLY A 260 5.52 -7.13 -5.48
C GLY A 260 5.50 -7.80 -6.85
N GLN A 261 5.95 -7.10 -7.88
CA GLN A 261 5.95 -7.70 -9.21
C GLN A 261 7.35 -8.19 -9.58
N LYS A 262 7.42 -9.45 -10.05
CA LYS A 262 8.69 -10.05 -10.46
C LYS A 262 9.25 -9.37 -11.69
N ARG A 263 10.50 -8.96 -11.58
CA ARG A 263 11.19 -8.27 -12.67
C ARG A 263 12.01 -9.29 -13.46
N PHE B 19 11.10 30.89 -13.27
CA PHE B 19 10.28 30.47 -12.10
C PHE B 19 8.87 31.07 -12.23
N SER B 20 8.77 32.18 -12.95
CA SER B 20 7.49 32.86 -13.19
C SER B 20 6.74 32.22 -14.38
N PHE B 21 7.29 32.41 -15.58
CA PHE B 21 6.73 31.88 -16.83
C PHE B 21 6.39 30.38 -16.77
N ILE B 22 7.20 29.62 -16.04
CA ILE B 22 6.95 28.18 -15.91
C ILE B 22 5.49 28.03 -15.42
N CYS B 23 5.28 28.43 -14.17
CA CYS B 23 3.97 28.35 -13.53
C CYS B 23 2.84 28.93 -14.38
N ASN B 24 3.14 29.89 -15.24
CA ASN B 24 2.10 30.46 -16.07
C ASN B 24 1.63 29.48 -17.15
N TYR B 25 2.56 28.68 -17.66
CA TYR B 25 2.23 27.68 -18.69
C TYR B 25 1.42 26.52 -18.09
N PHE B 26 1.66 26.22 -16.81
CA PHE B 26 0.97 25.15 -16.11
C PHE B 26 -0.48 25.47 -15.75
N LYS B 27 -0.84 26.74 -15.73
CA LYS B 27 -2.23 27.13 -15.42
C LYS B 27 -3.14 26.54 -16.49
N LEU B 28 -2.55 26.30 -17.67
CA LEU B 28 -3.28 25.73 -18.79
C LEU B 28 -3.59 24.24 -18.61
N LEU B 29 -2.67 23.50 -18.02
CA LEU B 29 -2.89 22.07 -17.80
C LEU B 29 -3.86 21.87 -16.63
N LYS B 30 -4.56 20.74 -16.62
CA LYS B 30 -5.49 20.49 -15.53
C LYS B 30 -4.77 19.83 -14.36
N ARG B 31 -3.46 19.63 -14.51
CA ARG B 31 -2.66 19.03 -13.45
C ARG B 31 -1.18 19.36 -13.62
N GLN B 32 -0.52 19.63 -12.50
CA GLN B 32 0.89 20.00 -12.48
C GLN B 32 1.83 18.86 -12.11
N GLY B 33 1.29 17.64 -12.06
CA GLY B 33 2.11 16.50 -11.71
C GLY B 33 1.42 15.15 -11.91
N PRO B 34 2.22 14.08 -12.05
CA PRO B 34 1.62 12.75 -12.24
C PRO B 34 0.48 12.50 -11.25
N GLY B 35 -0.33 11.48 -11.53
CA GLY B 35 -1.43 11.14 -10.65
C GLY B 35 -2.64 10.67 -11.44
N SER B 36 -3.74 10.42 -10.74
CA SER B 36 -4.97 9.97 -11.37
C SER B 36 -6.06 9.81 -10.33
N PRO B 37 -7.33 9.94 -10.74
CA PRO B 37 -8.44 9.80 -9.82
C PRO B 37 -8.31 8.51 -9.01
N GLU B 38 -8.06 7.42 -9.72
CA GLU B 38 -7.90 6.12 -9.09
C GLU B 38 -6.77 6.14 -8.05
N ALA B 39 -5.66 6.78 -8.41
CA ALA B 39 -4.51 6.87 -7.53
C ALA B 39 -4.86 7.62 -6.23
N THR B 40 -5.57 8.74 -6.36
CA THR B 40 -5.98 9.52 -5.20
C THR B 40 -7.03 8.71 -4.44
N ARG B 41 -7.81 7.93 -5.17
CA ARG B 41 -8.86 7.13 -4.57
C ARG B 41 -8.32 5.96 -3.75
N LYS B 42 -7.26 5.34 -4.25
CA LYS B 42 -6.67 4.20 -3.55
C LYS B 42 -5.89 4.69 -2.34
N ALA B 43 -5.64 5.99 -2.31
CA ALA B 43 -4.90 6.56 -1.20
C ALA B 43 -5.87 6.74 -0.04
N VAL B 44 -7.08 7.16 -0.37
CA VAL B 44 -8.11 7.39 0.63
C VAL B 44 -8.59 6.08 1.26
N SER B 45 -8.54 5.02 0.47
CA SER B 45 -8.99 3.72 0.94
C SER B 45 -8.20 3.19 2.12
N PHE B 46 -7.17 3.93 2.53
CA PHE B 46 -6.32 3.51 3.66
C PHE B 46 -6.50 4.35 4.90
N ILE B 47 -7.29 5.41 4.79
CA ILE B 47 -7.54 6.30 5.91
C ILE B 47 -8.92 6.01 6.48
N ASN B 48 -9.18 6.45 7.71
CA ASN B 48 -10.48 6.20 8.32
C ASN B 48 -11.50 7.24 7.87
N GLU B 49 -12.76 6.81 7.77
CA GLU B 49 -13.82 7.71 7.32
C GLU B 49 -13.83 8.99 8.12
N LEU B 50 -14.25 10.06 7.45
CA LEU B 50 -14.32 11.36 8.09
C LEU B 50 -15.74 11.88 7.98
N THR B 51 -16.06 12.84 8.85
CA THR B 51 -17.39 13.45 8.89
C THR B 51 -17.24 14.85 8.30
N ASP B 52 -18.38 15.49 8.05
CA ASP B 52 -18.37 16.85 7.50
C ASP B 52 -17.54 17.80 8.37
N ASP B 53 -17.36 17.43 9.64
CA ASP B 53 -16.61 18.24 10.59
C ASP B 53 -15.10 18.15 10.37
N ALA B 54 -14.65 17.12 9.67
CA ALA B 54 -13.22 16.92 9.43
C ALA B 54 -12.55 18.05 8.68
N LYS B 55 -11.42 18.51 9.21
CA LYS B 55 -10.66 19.58 8.58
C LYS B 55 -9.59 18.88 7.75
N ILE B 56 -9.53 19.18 6.46
CA ILE B 56 -8.54 18.57 5.59
C ILE B 56 -7.68 19.62 4.92
N ALA B 57 -6.42 19.27 4.62
CA ALA B 57 -5.51 20.20 3.97
C ALA B 57 -4.72 19.54 2.84
N ASP B 58 -4.69 20.20 1.68
CA ASP B 58 -3.98 19.71 0.51
C ASP B 58 -2.82 20.69 0.29
N ILE B 59 -1.65 20.37 0.82
CA ILE B 59 -0.48 21.23 0.70
C ILE B 59 0.24 21.08 -0.62
N GLY B 60 0.24 22.14 -1.43
CA GLY B 60 0.87 22.07 -2.72
C GLY B 60 -0.21 21.69 -3.72
N CYS B 61 -1.45 22.04 -3.37
CA CYS B 61 -2.60 21.71 -4.19
C CYS B 61 -2.50 22.13 -5.66
N GLY B 62 -1.88 23.27 -5.92
CA GLY B 62 -1.78 23.74 -7.29
C GLY B 62 -3.16 24.16 -7.78
N THR B 63 -3.50 23.78 -9.00
CA THR B 63 -4.79 24.13 -9.59
C THR B 63 -5.93 23.39 -8.89
N GLY B 64 -5.60 22.42 -8.05
CA GLY B 64 -6.61 21.67 -7.34
C GLY B 64 -7.11 20.42 -8.05
N GLY B 65 -6.42 20.02 -9.10
CA GLY B 65 -6.81 18.84 -9.86
C GLY B 65 -7.14 17.66 -8.97
N GLN B 66 -6.20 17.26 -8.12
CA GLN B 66 -6.41 16.13 -7.23
C GLN B 66 -7.39 16.46 -6.09
N THR B 67 -7.37 17.72 -5.65
CA THR B 67 -8.24 18.18 -4.57
C THR B 67 -9.71 17.83 -4.84
N LEU B 68 -10.22 18.20 -6.00
CA LEU B 68 -11.60 17.88 -6.35
C LEU B 68 -11.79 16.35 -6.37
N PHE B 69 -10.77 15.61 -6.81
CA PHE B 69 -10.85 14.15 -6.83
C PHE B 69 -11.01 13.72 -5.38
N LEU B 70 -10.21 14.33 -4.50
CA LEU B 70 -10.28 14.03 -3.08
C LEU B 70 -11.65 14.39 -2.53
N ALA B 71 -12.06 15.64 -2.70
CA ALA B 71 -13.35 16.10 -2.20
C ALA B 71 -14.48 15.11 -2.53
N ASP B 72 -14.33 14.42 -3.65
CA ASP B 72 -15.29 13.43 -4.11
C ASP B 72 -15.32 12.15 -3.27
N TYR B 73 -14.21 11.86 -2.59
CA TYR B 73 -14.12 10.63 -1.81
C TYR B 73 -14.12 10.79 -0.30
N VAL B 74 -14.15 12.03 0.20
CA VAL B 74 -14.16 12.21 1.65
C VAL B 74 -15.07 13.33 2.09
N LYS B 75 -15.33 13.38 3.39
CA LYS B 75 -16.20 14.42 3.92
C LYS B 75 -15.33 15.38 4.72
N GLY B 76 -15.82 16.60 4.93
CA GLY B 76 -15.05 17.55 5.69
C GLY B 76 -14.73 18.79 4.89
N GLN B 77 -14.02 19.75 5.51
CA GLN B 77 -13.67 20.98 4.85
C GLN B 77 -12.22 20.95 4.36
N ILE B 78 -12.03 21.13 3.07
CA ILE B 78 -10.68 21.10 2.49
C ILE B 78 -10.06 22.48 2.23
N THR B 79 -8.80 22.63 2.63
CA THR B 79 -8.09 23.88 2.41
C THR B 79 -6.91 23.67 1.46
N GLY B 80 -6.97 24.32 0.30
CA GLY B 80 -5.87 24.19 -0.64
C GLY B 80 -4.82 25.26 -0.38
N ILE B 81 -3.54 24.87 -0.34
CA ILE B 81 -2.48 25.83 -0.09
C ILE B 81 -1.35 25.74 -1.10
N ASP B 82 -1.10 26.84 -1.80
CA ASP B 82 -0.03 26.84 -2.80
C ASP B 82 0.76 28.14 -2.77
N LEU B 83 2.00 28.10 -3.26
CA LEU B 83 2.83 29.29 -3.25
C LEU B 83 2.40 30.31 -4.31
N PHE B 84 2.08 29.79 -5.49
CA PHE B 84 1.68 30.57 -6.66
C PHE B 84 0.21 31.01 -6.56
N PRO B 85 -0.03 32.34 -6.46
CA PRO B 85 -1.41 32.83 -6.35
C PRO B 85 -2.27 32.54 -7.59
N ASP B 86 -1.69 32.69 -8.77
CA ASP B 86 -2.46 32.42 -9.99
C ASP B 86 -3.13 31.05 -9.91
N PHE B 87 -2.44 30.07 -9.32
CA PHE B 87 -3.01 28.72 -9.19
C PHE B 87 -4.25 28.71 -8.29
N ILE B 88 -4.15 29.36 -7.15
CA ILE B 88 -5.25 29.44 -6.20
C ILE B 88 -6.45 30.13 -6.88
N GLU B 89 -6.16 31.18 -7.64
CA GLU B 89 -7.24 31.91 -8.31
C GLU B 89 -8.09 30.95 -9.13
N ILE B 90 -7.43 30.04 -9.85
CA ILE B 90 -8.14 29.07 -10.67
C ILE B 90 -8.81 28.02 -9.80
N PHE B 91 -8.12 27.66 -8.72
CA PHE B 91 -8.60 26.67 -7.75
C PHE B 91 -10.01 27.03 -7.29
N ASN B 92 -10.15 28.22 -6.70
CA ASN B 92 -11.44 28.68 -6.21
C ASN B 92 -12.46 28.78 -7.33
N GLU B 93 -11.98 29.13 -8.52
CA GLU B 93 -12.83 29.22 -9.68
C GLU B 93 -13.36 27.84 -10.05
N ASN B 94 -12.50 26.83 -9.92
CA ASN B 94 -12.91 25.48 -10.25
C ASN B 94 -13.85 24.92 -9.19
N ALA B 95 -13.66 25.35 -7.95
CA ALA B 95 -14.48 24.89 -6.83
C ALA B 95 -15.89 25.43 -6.99
N VAL B 96 -15.97 26.65 -7.52
CA VAL B 96 -17.25 27.32 -7.76
C VAL B 96 -17.92 26.66 -8.94
N LYS B 97 -17.18 26.42 -10.01
CA LYS B 97 -17.73 25.76 -11.18
C LYS B 97 -18.18 24.34 -10.82
N ALA B 98 -17.71 23.84 -9.69
CA ALA B 98 -18.07 22.47 -9.28
C ALA B 98 -18.94 22.38 -8.03
N ASN B 99 -19.81 23.37 -7.83
CA ASN B 99 -20.73 23.40 -6.69
C ASN B 99 -20.16 22.75 -5.41
N CYS B 100 -19.10 23.33 -4.87
CA CYS B 100 -18.49 22.79 -3.65
C CYS B 100 -17.51 23.77 -3.05
N ALA B 101 -17.47 24.98 -3.60
CA ALA B 101 -16.56 26.00 -3.10
C ALA B 101 -16.98 26.45 -1.70
N ASP B 102 -17.93 25.76 -1.11
CA ASP B 102 -18.42 26.06 0.23
C ASP B 102 -17.63 25.28 1.27
N ARG B 103 -17.12 24.12 0.84
CA ARG B 103 -16.33 23.25 1.70
C ARG B 103 -14.88 23.18 1.20
N VAL B 104 -14.70 23.30 -0.12
CA VAL B 104 -13.36 23.26 -0.71
C VAL B 104 -12.88 24.67 -1.07
N LYS B 105 -11.92 25.17 -0.30
CA LYS B 105 -11.36 26.52 -0.50
C LYS B 105 -9.83 26.54 -0.69
N GLY B 106 -9.35 27.53 -1.43
CA GLY B 106 -7.92 27.63 -1.68
C GLY B 106 -7.29 28.93 -1.27
N ILE B 107 -6.11 28.83 -0.67
CA ILE B 107 -5.37 30.01 -0.22
C ILE B 107 -3.87 29.87 -0.49
N THR B 108 -3.22 30.99 -0.75
CA THR B 108 -1.80 30.98 -0.98
C THR B 108 -1.13 30.94 0.38
N GLY B 109 0.10 30.40 0.41
CA GLY B 109 0.86 30.30 1.63
C GLY B 109 2.09 29.49 1.27
N SER B 110 2.98 29.26 2.23
CA SER B 110 4.15 28.48 1.90
C SER B 110 4.13 27.14 2.63
N MET B 111 4.78 26.17 2.02
CA MET B 111 4.88 24.80 2.52
C MET B 111 5.63 24.70 3.85
N ASP B 112 6.54 25.63 4.09
CA ASP B 112 7.33 25.65 5.32
C ASP B 112 6.83 26.66 6.36
N ASN B 113 5.57 27.07 6.25
CA ASN B 113 4.96 28.01 7.18
C ASN B 113 3.43 27.93 7.04
N LEU B 114 2.89 26.73 7.26
CA LEU B 114 1.46 26.48 7.14
C LEU B 114 0.62 27.19 8.19
N PRO B 115 -0.53 27.75 7.76
CA PRO B 115 -1.48 28.48 8.61
C PRO B 115 -2.47 27.57 9.29
N PHE B 116 -2.02 26.87 10.33
CA PHE B 116 -2.89 25.96 11.08
C PHE B 116 -2.45 25.99 12.53
N GLN B 117 -3.12 25.19 13.36
CA GLN B 117 -2.81 25.10 14.78
C GLN B 117 -2.51 23.65 15.14
N ASN B 118 -1.92 23.42 16.31
CA ASN B 118 -1.61 22.07 16.73
C ASN B 118 -2.89 21.25 16.75
N GLU B 119 -2.77 19.95 16.51
CA GLU B 119 -3.91 19.04 16.50
C GLU B 119 -5.18 19.68 15.97
N GLU B 120 -5.12 20.20 14.74
CA GLU B 120 -6.29 20.85 14.14
C GLU B 120 -6.84 20.04 12.98
N LEU B 121 -5.92 19.44 12.22
CA LEU B 121 -6.26 18.67 11.03
C LEU B 121 -6.47 17.17 11.19
N ASP B 122 -7.34 16.60 10.34
CA ASP B 122 -7.63 15.17 10.36
C ASP B 122 -6.88 14.47 9.23
N LEU B 123 -6.59 15.23 8.18
CA LEU B 123 -5.91 14.69 7.01
C LEU B 123 -5.00 15.71 6.33
N ILE B 124 -3.79 15.29 6.02
CA ILE B 124 -2.85 16.14 5.32
C ILE B 124 -2.53 15.48 4.00
N TRP B 125 -3.03 16.10 2.94
CA TRP B 125 -2.86 15.59 1.59
C TRP B 125 -1.85 16.43 0.85
N SER B 126 -1.10 15.79 -0.05
CA SER B 126 -0.09 16.49 -0.84
C SER B 126 0.47 15.60 -1.93
N GLU B 127 0.23 15.96 -3.19
CA GLU B 127 0.71 15.14 -4.30
C GLU B 127 1.91 15.73 -5.03
N GLY B 128 2.97 16.01 -4.27
CA GLY B 128 4.20 16.59 -4.79
C GLY B 128 3.97 17.62 -5.88
N ALA B 129 2.96 18.46 -5.70
CA ALA B 129 2.63 19.52 -6.68
C ALA B 129 3.08 20.94 -6.21
N ILE B 130 3.69 21.70 -7.11
CA ILE B 130 4.18 23.05 -6.80
C ILE B 130 5.22 23.02 -5.66
N TYR B 131 6.49 23.32 -6.00
CA TYR B 131 7.65 23.35 -5.07
C TYR B 131 7.77 22.20 -4.05
N ASN B 132 8.83 22.19 -3.23
CA ASN B 132 8.98 21.11 -2.24
C ASN B 132 9.91 21.49 -1.10
N ILE B 133 9.96 20.68 -0.04
CA ILE B 133 10.84 21.00 1.08
C ILE B 133 11.47 19.79 1.71
N GLY B 134 11.64 18.73 0.94
CA GLY B 134 12.25 17.54 1.49
C GLY B 134 11.26 16.64 2.22
N PHE B 135 11.15 15.40 1.73
CA PHE B 135 10.26 14.41 2.31
C PHE B 135 10.42 14.37 3.83
N GLU B 136 11.65 14.14 4.29
CA GLU B 136 11.92 14.06 5.72
C GLU B 136 11.42 15.29 6.45
N ARG B 137 11.83 16.46 5.97
CA ARG B 137 11.44 17.70 6.61
C ARG B 137 9.91 17.83 6.70
N GLY B 138 9.23 17.69 5.58
CA GLY B 138 7.77 17.79 5.59
C GLY B 138 7.11 16.89 6.64
N MET B 139 7.43 15.59 6.62
CA MET B 139 6.87 14.62 7.57
C MET B 139 6.91 15.09 9.04
N ASN B 140 8.05 15.65 9.45
CA ASN B 140 8.21 16.12 10.82
C ASN B 140 7.50 17.45 11.08
N GLU B 141 7.71 18.43 10.22
CA GLU B 141 7.09 19.71 10.41
C GLU B 141 5.57 19.69 10.32
N TRP B 142 5.03 19.01 9.30
CA TRP B 142 3.60 18.94 9.12
C TRP B 142 2.88 18.13 10.20
N SER B 143 3.63 17.31 10.91
CA SER B 143 3.06 16.47 11.95
C SER B 143 2.41 17.19 13.13
N LYS B 144 2.99 18.31 13.54
CA LYS B 144 2.46 19.04 14.70
C LYS B 144 1.08 19.64 14.45
N TYR B 145 0.62 19.60 13.19
CA TYR B 145 -0.69 20.13 12.83
C TYR B 145 -1.74 19.03 12.82
N LEU B 146 -1.34 17.83 12.45
CA LEU B 146 -2.24 16.70 12.37
C LEU B 146 -2.64 16.18 13.75
N LYS B 147 -3.91 15.83 13.92
CA LYS B 147 -4.40 15.33 15.21
C LYS B 147 -3.80 13.95 15.45
N LYS B 148 -4.00 13.43 16.65
CA LYS B 148 -3.49 12.08 16.96
C LYS B 148 -4.47 11.12 16.28
N GLY B 149 -3.93 10.19 15.52
CA GLY B 149 -4.78 9.24 14.83
C GLY B 149 -5.11 9.78 13.45
N GLY B 150 -4.61 10.98 13.16
CA GLY B 150 -4.85 11.60 11.87
C GLY B 150 -3.95 11.01 10.80
N PHE B 151 -4.35 11.19 9.54
CA PHE B 151 -3.58 10.64 8.41
C PHE B 151 -2.83 11.64 7.53
N ILE B 152 -1.74 11.16 6.94
CA ILE B 152 -0.91 11.96 6.06
C ILE B 152 -0.73 11.10 4.81
N ALA B 153 -1.06 11.65 3.64
CA ALA B 153 -0.94 10.91 2.39
C ALA B 153 -0.23 11.81 1.37
N VAL B 154 0.92 11.35 0.87
CA VAL B 154 1.69 12.14 -0.08
C VAL B 154 2.34 11.30 -1.15
N SER B 155 2.22 11.73 -2.40
CA SER B 155 2.84 11.02 -3.53
C SER B 155 4.24 11.62 -3.68
N GLU B 156 5.25 10.76 -3.66
CA GLU B 156 6.64 11.20 -3.74
C GLU B 156 7.44 10.39 -4.77
N ALA B 157 8.32 11.07 -5.49
CA ALA B 157 9.17 10.42 -6.49
C ALA B 157 10.22 9.56 -5.75
N SER B 158 10.34 8.31 -6.15
CA SER B 158 11.29 7.42 -5.50
C SER B 158 11.91 6.39 -6.44
N TRP B 159 12.94 5.70 -5.94
CA TRP B 159 13.63 4.67 -6.70
C TRP B 159 12.89 3.35 -6.52
N PHE B 160 13.01 2.44 -7.48
CA PHE B 160 12.36 1.14 -7.33
C PHE B 160 13.39 0.04 -7.10
N THR B 161 14.65 0.37 -7.30
CA THR B 161 15.76 -0.57 -7.12
C THR B 161 16.89 0.09 -6.34
N SER B 162 17.94 -0.67 -6.04
CA SER B 162 19.06 -0.12 -5.28
C SER B 162 20.08 0.61 -6.16
N GLU B 163 19.92 0.51 -7.48
CA GLU B 163 20.82 1.18 -8.42
C GLU B 163 20.25 1.21 -9.85
N ARG B 164 20.41 2.35 -10.50
CA ARG B 164 19.89 2.55 -11.85
C ARG B 164 21.00 3.08 -12.72
N PRO B 165 20.73 3.23 -14.02
CA PRO B 165 21.72 3.76 -14.96
C PRO B 165 22.14 5.14 -14.45
N ALA B 166 23.18 5.72 -15.03
CA ALA B 166 23.64 7.03 -14.58
C ALA B 166 22.70 8.16 -15.00
N GLU B 167 22.31 8.16 -16.27
CA GLU B 167 21.42 9.19 -16.81
C GLU B 167 20.26 9.56 -15.89
N ILE B 168 19.42 8.58 -15.57
CA ILE B 168 18.29 8.84 -14.71
C ILE B 168 18.81 9.21 -13.32
N GLU B 169 19.86 8.53 -12.89
CA GLU B 169 20.49 8.77 -11.59
C GLU B 169 20.90 10.23 -11.44
N ASP B 170 21.56 10.76 -12.47
CA ASP B 170 22.01 12.13 -12.45
C ASP B 170 20.86 13.13 -12.45
N PHE B 171 20.00 13.04 -13.46
CA PHE B 171 18.89 13.94 -13.55
C PHE B 171 18.20 14.15 -12.21
N TRP B 172 17.78 13.05 -11.59
CA TRP B 172 17.12 13.16 -10.31
C TRP B 172 17.99 13.75 -9.20
N MET B 173 19.27 13.35 -9.20
CA MET B 173 20.20 13.83 -8.19
C MET B 173 20.49 15.32 -8.38
N ASP B 174 19.85 15.92 -9.37
CA ASP B 174 20.03 17.33 -9.70
C ASP B 174 18.73 18.12 -9.58
N ALA B 175 17.61 17.41 -9.52
CA ALA B 175 16.32 18.06 -9.40
C ALA B 175 15.80 17.92 -7.99
N TYR B 176 15.97 16.72 -7.44
CA TYR B 176 15.50 16.39 -6.11
C TYR B 176 16.39 15.27 -5.57
N PRO B 177 17.54 15.63 -4.98
CA PRO B 177 18.52 14.70 -4.41
C PRO B 177 18.02 13.85 -3.24
N GLU B 178 17.01 14.32 -2.52
CA GLU B 178 16.47 13.56 -1.40
C GLU B 178 15.62 12.37 -1.93
N ILE B 179 15.66 12.16 -3.24
CA ILE B 179 14.92 11.05 -3.82
C ILE B 179 15.56 9.80 -3.22
N SER B 180 14.78 8.76 -2.93
CA SER B 180 15.38 7.57 -2.35
C SER B 180 14.59 6.29 -2.55
N VAL B 181 15.13 5.19 -2.06
CA VAL B 181 14.44 3.90 -2.16
C VAL B 181 13.26 3.96 -1.20
N ILE B 182 12.22 3.16 -1.47
CA ILE B 182 11.04 3.16 -0.62
C ILE B 182 11.31 2.87 0.86
N PRO B 183 12.20 1.92 1.16
CA PRO B 183 12.45 1.67 2.59
C PRO B 183 12.81 2.95 3.38
N THR B 184 13.69 3.78 2.83
CA THR B 184 14.08 5.01 3.52
C THR B 184 12.90 5.95 3.73
N CYS B 185 12.07 6.11 2.70
CA CYS B 185 10.91 6.98 2.85
C CYS B 185 10.07 6.44 4.01
N ILE B 186 9.82 5.12 4.01
CA ILE B 186 9.03 4.49 5.05
C ILE B 186 9.73 4.58 6.40
N ASP B 187 11.05 4.63 6.40
CA ASP B 187 11.80 4.73 7.63
C ASP B 187 11.71 6.15 8.20
N LYS B 188 11.70 7.13 7.30
CA LYS B 188 11.59 8.52 7.72
C LYS B 188 10.23 8.75 8.38
N MET B 189 9.21 8.08 7.86
CA MET B 189 7.88 8.21 8.41
C MET B 189 7.86 7.81 9.88
N GLU B 190 8.24 6.57 10.17
CA GLU B 190 8.27 6.08 11.54
C GLU B 190 9.07 7.03 12.43
N ARG B 191 10.15 7.59 11.89
CA ARG B 191 10.95 8.50 12.69
C ARG B 191 10.14 9.75 13.01
N ALA B 192 9.37 10.21 12.05
CA ALA B 192 8.55 11.39 12.22
C ALA B 192 7.31 11.14 13.08
N GLY B 193 7.14 9.89 13.52
CA GLY B 193 6.00 9.57 14.37
C GLY B 193 4.76 9.08 13.69
N TYR B 194 4.92 8.48 12.51
CA TYR B 194 3.79 7.93 11.77
C TYR B 194 3.81 6.40 11.73
N THR B 195 2.63 5.81 11.59
CA THR B 195 2.53 4.37 11.49
C THR B 195 2.48 4.20 9.98
N PRO B 196 3.47 3.50 9.37
CA PRO B 196 3.44 3.33 7.91
C PRO B 196 2.25 2.49 7.45
N THR B 197 1.09 3.12 7.38
CA THR B 197 -0.14 2.45 6.99
C THR B 197 -0.04 1.74 5.66
N ALA B 198 0.35 2.49 4.63
CA ALA B 198 0.48 1.93 3.29
C ALA B 198 1.40 2.73 2.37
N HIS B 199 1.70 2.12 1.22
CA HIS B 199 2.52 2.74 0.18
C HIS B 199 2.18 1.98 -1.08
N PHE B 200 2.25 2.64 -2.21
CA PHE B 200 1.97 1.96 -3.47
C PHE B 200 2.45 2.82 -4.63
N ILE B 201 2.89 2.17 -5.69
CA ILE B 201 3.41 2.90 -6.84
C ILE B 201 2.28 3.33 -7.77
N LEU B 202 2.32 4.58 -8.21
CA LEU B 202 1.28 5.06 -9.10
C LEU B 202 1.38 4.39 -10.47
N PRO B 203 0.24 3.85 -10.95
CA PRO B 203 0.13 3.19 -12.25
C PRO B 203 0.79 4.02 -13.33
N GLU B 204 1.51 3.34 -14.20
CA GLU B 204 2.22 4.01 -15.28
C GLU B 204 1.31 5.02 -15.98
N ASN B 205 0.01 4.74 -15.99
CA ASN B 205 -0.93 5.61 -16.66
C ASN B 205 -1.00 7.01 -16.05
N CYS B 206 -0.57 7.12 -14.79
CA CYS B 206 -0.56 8.40 -14.09
C CYS B 206 0.38 9.40 -14.74
N TRP B 207 1.33 8.91 -15.53
CA TRP B 207 2.24 9.84 -16.19
C TRP B 207 1.83 10.08 -17.63
N THR B 208 1.66 9.00 -18.39
CA THR B 208 1.28 9.12 -19.79
C THR B 208 -0.06 9.83 -19.93
N GLU B 209 -1.15 9.10 -19.72
CA GLU B 209 -2.48 9.68 -19.87
C GLU B 209 -2.79 10.97 -19.10
N HIS B 210 -2.51 10.97 -17.80
CA HIS B 210 -2.82 12.10 -16.94
C HIS B 210 -1.79 13.21 -16.69
N TYR B 211 -0.66 13.19 -17.39
CA TYR B 211 0.34 14.22 -17.18
C TYR B 211 1.06 14.62 -18.47
N PHE B 212 1.52 13.64 -19.25
CA PHE B 212 2.19 13.93 -20.51
C PHE B 212 1.16 14.23 -21.61
N ALA B 213 0.15 13.38 -21.73
CA ALA B 213 -0.88 13.55 -22.76
C ALA B 213 -1.43 14.95 -22.78
N PRO B 214 -1.87 15.45 -21.61
CA PRO B 214 -2.42 16.81 -21.52
C PRO B 214 -1.48 17.84 -22.12
N GLN B 215 -0.19 17.69 -21.85
CA GLN B 215 0.83 18.60 -22.36
C GLN B 215 0.91 18.54 -23.89
N ASP B 216 0.07 17.71 -24.52
CA ASP B 216 0.09 17.61 -25.97
C ASP B 216 -0.82 18.62 -26.66
N GLU B 217 -2.10 18.64 -26.29
CA GLU B 217 -3.02 19.60 -26.89
C GLU B 217 -2.25 20.91 -27.02
N VAL B 218 -1.84 21.46 -25.87
CA VAL B 218 -1.10 22.72 -25.78
C VAL B 218 0.26 22.74 -26.50
N ARG B 219 0.92 21.59 -26.56
CA ARG B 219 2.23 21.49 -27.20
C ARG B 219 2.26 22.10 -28.59
N GLU B 220 1.20 21.91 -29.37
CA GLU B 220 1.14 22.44 -30.73
C GLU B 220 1.10 23.98 -30.77
N THR B 221 -0.02 24.56 -30.31
CA THR B 221 -0.19 26.02 -30.31
C THR B 221 0.87 26.72 -29.47
N PHE B 222 1.42 25.99 -28.50
CA PHE B 222 2.46 26.56 -27.63
C PHE B 222 3.62 26.97 -28.53
N MET B 223 3.93 26.11 -29.50
CA MET B 223 5.03 26.37 -30.45
C MET B 223 4.80 27.69 -31.20
N LYS B 224 3.72 27.73 -32.00
CA LYS B 224 3.38 28.94 -32.76
C LYS B 224 3.39 30.15 -31.82
N GLU B 225 2.81 29.97 -30.64
CA GLU B 225 2.73 31.02 -29.64
C GLU B 225 4.12 31.39 -29.08
N HIS B 226 5.06 30.45 -29.17
CA HIS B 226 6.41 30.67 -28.65
C HIS B 226 7.50 30.15 -29.56
N ALA B 227 7.46 30.51 -30.84
CA ALA B 227 8.48 30.05 -31.75
C ALA B 227 9.80 30.74 -31.41
N GLY B 228 9.93 32.00 -31.83
CA GLY B 228 11.14 32.77 -31.60
C GLY B 228 11.71 32.75 -30.20
N ASN B 229 10.85 32.95 -29.20
CA ASN B 229 11.28 32.97 -27.81
C ASN B 229 12.33 31.88 -27.58
N LYS B 230 13.51 32.28 -27.14
CA LYS B 230 14.59 31.31 -26.91
C LYS B 230 14.37 30.38 -25.71
N THR B 231 14.16 30.98 -24.54
CA THR B 231 13.96 30.24 -23.30
C THR B 231 12.72 29.34 -23.33
N ALA B 232 11.66 29.81 -23.99
CA ALA B 232 10.42 29.04 -24.10
C ALA B 232 10.75 27.70 -24.74
N MET B 233 11.64 27.73 -25.71
CA MET B 233 12.06 26.53 -26.41
C MET B 233 12.89 25.62 -25.52
N ASP B 234 13.84 26.21 -24.80
CA ASP B 234 14.70 25.44 -23.90
C ASP B 234 13.83 24.74 -22.85
N PHE B 235 12.72 25.39 -22.50
CA PHE B 235 11.78 24.85 -21.53
C PHE B 235 11.13 23.59 -22.11
N MET B 236 10.63 23.70 -23.34
CA MET B 236 10.00 22.56 -24.00
C MET B 236 10.94 21.38 -24.06
N LYS B 237 12.13 21.57 -24.61
CA LYS B 237 13.09 20.49 -24.70
C LYS B 237 13.21 19.87 -23.30
N GLY B 238 13.24 20.73 -22.28
CA GLY B 238 13.33 20.25 -20.91
C GLY B 238 12.12 19.38 -20.61
N GLN B 239 10.95 19.83 -21.04
CA GLN B 239 9.73 19.08 -20.82
C GLN B 239 9.74 17.80 -21.61
N GLN B 240 10.07 17.89 -22.90
CA GLN B 240 10.09 16.69 -23.74
C GLN B 240 11.23 15.77 -23.28
N TYR B 241 12.10 16.29 -22.43
CA TYR B 241 13.20 15.50 -21.91
C TYR B 241 12.76 14.59 -20.76
N GLU B 242 11.73 15.00 -20.03
CA GLU B 242 11.21 14.18 -18.92
C GLU B 242 10.54 12.96 -19.54
N ARG B 243 9.67 13.20 -20.51
CA ARG B 243 8.95 12.12 -21.16
C ARG B 243 9.89 11.09 -21.74
N SER B 244 10.84 11.53 -22.55
CA SER B 244 11.76 10.57 -23.14
C SER B 244 12.63 9.91 -22.08
N LEU B 245 12.71 10.53 -20.90
CA LEU B 245 13.46 9.98 -19.77
C LEU B 245 12.62 8.93 -19.05
N TYR B 246 11.31 9.17 -19.02
CA TYR B 246 10.37 8.28 -18.35
C TYR B 246 10.15 6.99 -19.13
N SER B 247 9.86 7.12 -20.42
CA SER B 247 9.62 5.94 -21.27
C SER B 247 10.83 5.05 -21.27
N LYS B 248 11.99 5.63 -20.98
CA LYS B 248 13.23 4.89 -20.98
C LYS B 248 13.66 4.31 -19.64
N TYR B 249 13.25 4.93 -18.54
CA TYR B 249 13.67 4.41 -17.24
C TYR B 249 12.54 4.20 -16.24
N LYS B 250 11.31 4.15 -16.72
CA LYS B 250 10.16 3.97 -15.81
C LYS B 250 10.19 2.72 -14.95
N ASP B 251 11.19 1.87 -15.13
CA ASP B 251 11.28 0.66 -14.30
C ASP B 251 12.20 0.94 -13.13
N TYR B 252 12.83 2.11 -13.14
CA TYR B 252 13.76 2.49 -12.07
C TYR B 252 13.29 3.62 -11.17
N TYR B 253 12.12 4.20 -11.47
CA TYR B 253 11.61 5.29 -10.64
C TYR B 253 10.15 5.61 -10.91
N GLY B 254 9.65 6.64 -10.24
CA GLY B 254 8.26 7.03 -10.41
C GLY B 254 7.67 7.53 -9.10
N TYR B 255 6.41 7.96 -9.14
CA TYR B 255 5.77 8.46 -7.94
C TYR B 255 5.26 7.32 -7.06
N VAL B 256 5.35 7.53 -5.76
CA VAL B 256 4.90 6.56 -4.78
C VAL B 256 4.05 7.27 -3.76
N PHE B 257 2.86 6.73 -3.53
CA PHE B 257 1.94 7.29 -2.55
C PHE B 257 2.22 6.66 -1.19
N TYR B 258 2.42 7.50 -0.18
CA TYR B 258 2.68 7.05 1.18
C TYR B 258 1.54 7.53 2.08
N ILE B 259 0.98 6.61 2.86
CA ILE B 259 -0.10 6.94 3.78
C ILE B 259 0.30 6.47 5.18
N GLY B 260 0.37 7.41 6.12
CA GLY B 260 0.74 7.04 7.48
C GLY B 260 -0.13 7.71 8.53
N GLN B 261 -0.43 6.99 9.61
CA GLN B 261 -1.25 7.55 10.67
C GLN B 261 -0.42 8.07 11.83
N LYS B 262 -0.69 9.31 12.24
CA LYS B 262 0.05 9.92 13.35
C LYS B 262 -0.23 9.20 14.65
N ARG B 263 0.84 8.87 15.36
CA ARG B 263 0.73 8.16 16.62
C ARG B 263 0.84 9.17 17.76
#